data_8IOI
#
_entry.id   8IOI
#
_cell.length_a   45.446
_cell.length_b   119.026
_cell.length_c   139.091
_cell.angle_alpha   90.00
_cell.angle_beta   90.00
_cell.angle_gamma   90.00
#
_symmetry.space_group_name_H-M   'I 2 2 2'
#
loop_
_entity.id
_entity.type
_entity.pdbx_description
1 polymer 'PadR family transcriptional regulator'
2 non-polymer GLYCEROL
3 non-polymer 'CHLORIDE ION'
4 non-polymer 'HEXAETHYLENE GLYCOL'
5 water water
#
_entity_poly.entity_id   1
_entity_poly.type   'polypeptide(L)'
_entity_poly.pdbx_seq_one_letter_code
;PEFMALPHAILVSLSEQASSGYELARRFDRSIGYFWTATHQQIYRTLRVMENNNWVRATTVLQHGRPDKKVYAISDSGRA
ELARWIAEPLSPTRPGRGSALTDSSTRDIAVKLRGAGYGDVAALYTQVTALRAERVKSLDTYRGIEKRTFADPSALDGAA
LHQYLVLRGGIRAEESAIDWLDEVAEALQEKR
;
_entity_poly.pdbx_strand_id   A,B
#
loop_
_chem_comp.id
_chem_comp.type
_chem_comp.name
_chem_comp.formula
CL non-polymer 'CHLORIDE ION' 'Cl -1'
GOL non-polymer GLYCEROL 'C3 H8 O3'
P6G non-polymer 'HEXAETHYLENE GLYCOL' 'C12 H26 O7'
#
# COMPACT_ATOMS: atom_id res chain seq x y z
N PRO A 1 1.39 -19.92 12.11
CA PRO A 1 2.63 -19.33 11.58
C PRO A 1 3.49 -18.53 12.58
N GLU A 2 2.85 -17.89 13.57
CA GLU A 2 3.52 -17.24 14.70
C GLU A 2 4.27 -15.96 14.32
N PHE A 3 5.44 -16.10 13.65
CA PHE A 3 6.33 -14.99 13.30
C PHE A 3 5.97 -14.37 11.95
N MET A 4 4.80 -13.70 11.90
CA MET A 4 4.29 -13.02 10.72
C MET A 4 4.39 -11.51 10.94
N ALA A 5 3.61 -10.70 10.22
CA ALA A 5 3.84 -9.26 10.28
C ALA A 5 2.97 -8.53 11.30
N LEU A 6 1.69 -8.93 11.44
CA LEU A 6 0.77 -8.18 12.29
C LEU A 6 1.16 -8.32 13.78
N PRO A 7 1.47 -9.54 14.25
CA PRO A 7 1.90 -9.74 15.64
C PRO A 7 3.00 -8.78 16.09
N HIS A 8 3.97 -8.52 15.21
CA HIS A 8 5.12 -7.68 15.53
C HIS A 8 4.72 -6.21 15.59
N ALA A 9 3.72 -5.87 14.77
CA ALA A 9 3.14 -4.55 14.74
C ALA A 9 2.47 -4.29 16.09
N ILE A 10 1.82 -5.34 16.61
CA ILE A 10 1.10 -5.25 17.86
C ILE A 10 2.10 -5.23 19.01
N LEU A 11 3.25 -5.88 18.83
CA LEU A 11 4.27 -5.82 19.87
C LEU A 11 4.81 -4.41 19.97
N VAL A 12 4.93 -3.73 18.82
CA VAL A 12 5.46 -2.38 18.74
C VAL A 12 4.48 -1.42 19.39
N SER A 13 3.20 -1.67 19.13
CA SER A 13 2.07 -0.92 19.66
C SER A 13 2.04 -1.03 21.19
N LEU A 14 2.06 -2.27 21.69
CA LEU A 14 1.99 -2.53 23.12
C LEU A 14 3.28 -2.14 23.81
N SER A 15 4.34 -1.94 23.01
CA SER A 15 5.61 -1.51 23.54
C SER A 15 5.51 -0.03 23.87
N GLU A 16 4.73 0.68 23.06
CA GLU A 16 4.49 2.10 23.26
C GLU A 16 3.57 2.27 24.48
N GLN A 17 2.46 1.54 24.51
CA GLN A 17 1.57 1.64 25.65
C GLN A 17 0.90 0.29 25.87
N ALA A 18 0.87 -0.16 27.13
CA ALA A 18 0.02 -1.26 27.56
C ALA A 18 -1.43 -0.88 27.35
N SER A 19 -2.09 -1.53 26.39
CA SER A 19 -3.47 -1.21 26.08
C SER A 19 -4.37 -2.42 26.32
N SER A 20 -5.68 -2.15 26.38
CA SER A 20 -6.68 -3.19 26.45
C SER A 20 -7.11 -3.59 25.04
N GLY A 21 -8.15 -4.44 24.94
CA GLY A 21 -8.65 -4.85 23.65
C GLY A 21 -8.97 -3.65 22.76
N TYR A 22 -9.91 -2.84 23.23
CA TYR A 22 -10.43 -1.70 22.49
C TYR A 22 -9.35 -0.64 22.33
N GLU A 23 -8.58 -0.42 23.40
CA GLU A 23 -7.53 0.59 23.39
C GLU A 23 -6.50 0.22 22.33
N LEU A 24 -6.16 -1.08 22.25
CA LEU A 24 -5.17 -1.50 21.28
C LEU A 24 -5.73 -1.34 19.88
N ALA A 25 -7.01 -1.66 19.67
CA ALA A 25 -7.59 -1.57 18.35
C ALA A 25 -7.64 -0.09 17.93
N ARG A 26 -8.05 0.75 18.88
CA ARG A 26 -8.28 2.18 18.66
C ARG A 26 -6.96 2.86 18.30
N ARG A 27 -5.91 2.57 19.08
CA ARG A 27 -4.62 3.23 18.95
C ARG A 27 -3.84 2.69 17.75
N PHE A 28 -4.15 1.47 17.31
CA PHE A 28 -3.50 0.90 16.14
C PHE A 28 -3.99 1.63 14.89
N ASP A 29 -5.30 1.92 14.87
CA ASP A 29 -5.94 2.56 13.74
C ASP A 29 -5.43 3.99 13.62
N ARG A 30 -5.18 4.60 14.78
CA ARG A 30 -4.82 6.00 14.87
C ARG A 30 -3.37 6.16 14.41
N SER A 31 -2.53 5.15 14.68
CA SER A 31 -1.10 5.23 14.42
C SER A 31 -0.70 4.33 13.25
N ILE A 32 -0.73 3.01 13.47
CA ILE A 32 -0.13 2.08 12.52
C ILE A 32 -1.14 1.73 11.41
N GLY A 33 -2.39 2.13 11.60
CA GLY A 33 -3.45 1.89 10.63
C GLY A 33 -3.33 2.76 9.38
N TYR A 34 -2.48 3.80 9.43
CA TYR A 34 -2.24 4.67 8.29
C TYR A 34 -1.24 4.04 7.32
N PHE A 35 -0.65 2.89 7.67
CA PHE A 35 0.19 2.16 6.73
C PHE A 35 -0.26 0.69 6.66
N TRP A 36 -0.98 0.25 7.68
CA TRP A 36 -1.45 -1.11 7.86
C TRP A 36 -2.98 -1.12 7.88
N THR A 37 -3.58 -1.91 6.99
CA THR A 37 -5.00 -2.16 7.07
C THR A 37 -5.19 -3.51 7.75
N ALA A 38 -5.59 -3.48 9.02
CA ALA A 38 -5.91 -4.70 9.77
C ALA A 38 -7.25 -4.52 10.48
N THR A 39 -8.05 -5.59 10.56
CA THR A 39 -9.36 -5.51 11.20
C THR A 39 -9.18 -5.65 12.71
N HIS A 40 -10.18 -5.19 13.47
CA HIS A 40 -10.13 -5.32 14.91
C HIS A 40 -10.16 -6.79 15.31
N GLN A 41 -10.95 -7.59 14.59
CA GLN A 41 -11.10 -9.01 14.89
C GLN A 41 -9.73 -9.70 14.77
N GLN A 42 -8.99 -9.36 13.71
CA GLN A 42 -7.66 -9.85 13.44
C GLN A 42 -6.68 -9.44 14.55
N ILE A 43 -6.77 -8.17 14.96
CA ILE A 43 -5.91 -7.63 16.00
C ILE A 43 -6.05 -8.45 17.28
N TYR A 44 -7.30 -8.82 17.62
CA TYR A 44 -7.61 -9.53 18.85
C TYR A 44 -7.20 -10.99 18.75
N ARG A 45 -7.28 -11.58 17.55
CA ARG A 45 -6.94 -12.97 17.36
C ARG A 45 -5.44 -13.16 17.51
N THR A 46 -4.66 -12.16 17.07
CA THR A 46 -3.22 -12.19 17.23
C THR A 46 -2.86 -11.94 18.69
N LEU A 47 -3.67 -11.12 19.37
CA LEU A 47 -3.47 -10.83 20.77
C LEU A 47 -3.59 -12.12 21.56
N ARG A 48 -4.62 -12.91 21.23
CA ARG A 48 -4.86 -14.19 21.88
C ARG A 48 -3.64 -15.07 21.68
N VAL A 49 -3.18 -15.17 20.43
CA VAL A 49 -2.11 -16.05 20.00
C VAL A 49 -0.83 -15.73 20.75
N MET A 50 -0.53 -14.43 20.91
CA MET A 50 0.73 -13.97 21.49
C MET A 50 0.72 -14.07 23.01
N GLU A 51 -0.46 -14.24 23.59
CA GLU A 51 -0.63 -14.50 25.01
C GLU A 51 -0.31 -15.97 25.29
N ASN A 52 -0.59 -16.81 24.28
CA ASN A 52 -0.32 -18.24 24.30
C ASN A 52 1.18 -18.48 24.16
N ASN A 53 1.85 -17.56 23.46
CA ASN A 53 3.29 -17.58 23.27
C ASN A 53 3.97 -16.97 24.49
N ASN A 54 3.19 -16.28 25.30
CA ASN A 54 3.66 -15.51 26.43
C ASN A 54 4.44 -14.28 25.98
N TRP A 55 4.17 -13.82 24.75
CA TRP A 55 4.77 -12.60 24.21
C TRP A 55 4.11 -11.36 24.80
N VAL A 56 2.86 -11.51 25.25
CA VAL A 56 2.09 -10.47 25.89
C VAL A 56 1.51 -11.08 27.17
N ARG A 57 1.37 -10.25 28.21
CA ARG A 57 0.73 -10.65 29.47
C ARG A 57 -0.50 -9.76 29.69
N ALA A 58 -1.57 -10.36 30.24
CA ALA A 58 -2.79 -9.62 30.56
C ALA A 58 -2.92 -9.38 32.07
N THR A 59 -3.20 -8.13 32.44
CA THR A 59 -3.45 -7.75 33.83
C THR A 59 -4.83 -7.09 33.94
N THR A 60 -5.68 -7.62 34.84
CA THR A 60 -6.97 -7.00 35.11
C THR A 60 -6.75 -5.82 36.05
N VAL A 61 -7.02 -4.61 35.55
CA VAL A 61 -6.83 -3.40 36.34
C VAL A 61 -8.13 -3.04 37.04
N LEU A 62 -8.02 -2.47 38.24
CA LEU A 62 -9.20 -2.15 39.05
C LEU A 62 -9.79 -0.83 38.57
N GLN A 63 -11.06 -0.88 38.15
CA GLN A 63 -11.85 0.30 37.84
C GLN A 63 -13.07 0.27 38.76
N HIS A 64 -13.30 1.37 39.50
CA HIS A 64 -14.43 1.45 40.39
C HIS A 64 -15.63 1.93 39.59
N GLY A 65 -16.79 1.30 39.78
CA GLY A 65 -17.97 1.65 39.01
C GLY A 65 -17.64 1.71 37.52
N ARG A 66 -16.84 0.72 37.10
CA ARG A 66 -16.48 0.48 35.72
C ARG A 66 -16.15 -1.01 35.57
N PRO A 67 -16.51 -1.63 34.41
CA PRO A 67 -16.11 -3.02 34.11
C PRO A 67 -14.58 -2.99 34.22
N ASP A 68 -14.03 -3.86 35.07
CA ASP A 68 -12.58 -3.84 35.29
C ASP A 68 -11.89 -4.20 33.98
N LYS A 69 -10.88 -3.41 33.58
CA LYS A 69 -10.30 -3.57 32.25
C LYS A 69 -9.12 -4.53 32.29
N LYS A 70 -9.06 -5.44 31.31
CA LYS A 70 -7.94 -6.33 31.05
C LYS A 70 -6.93 -5.62 30.15
N VAL A 71 -5.73 -5.36 30.68
CA VAL A 71 -4.69 -4.64 29.96
C VAL A 71 -3.59 -5.60 29.55
N TYR A 72 -3.19 -5.55 28.27
CA TYR A 72 -2.11 -6.36 27.75
C TYR A 72 -0.85 -5.52 27.73
N ALA A 73 0.28 -6.12 28.12
CA ALA A 73 1.57 -5.47 27.99
C ALA A 73 2.55 -6.46 27.36
N ILE A 74 3.57 -5.92 26.70
CA ILE A 74 4.61 -6.74 26.09
C ILE A 74 5.42 -7.35 27.23
N SER A 75 5.74 -8.64 27.10
CA SER A 75 6.54 -9.32 28.11
C SER A 75 8.01 -9.26 27.74
N ASP A 76 8.86 -9.94 28.52
CA ASP A 76 10.29 -9.99 28.27
C ASP A 76 10.54 -10.80 27.01
N SER A 77 9.82 -11.93 26.88
CA SER A 77 9.98 -12.82 25.74
C SER A 77 9.51 -12.14 24.45
N GLY A 78 8.47 -11.31 24.56
CA GLY A 78 7.93 -10.58 23.43
C GLY A 78 8.83 -9.42 23.02
N ARG A 79 9.46 -8.80 24.02
CA ARG A 79 10.37 -7.68 23.80
C ARG A 79 11.61 -8.18 23.05
N ALA A 80 11.93 -9.46 23.29
CA ALA A 80 13.08 -10.14 22.73
C ALA A 80 12.81 -10.46 21.27
N GLU A 81 11.59 -10.95 21.01
CA GLU A 81 11.11 -11.29 19.69
C GLU A 81 11.02 -10.05 18.80
N LEU A 82 10.63 -8.90 19.38
CA LEU A 82 10.56 -7.68 18.60
C LEU A 82 11.96 -7.27 18.16
N ALA A 83 12.94 -7.46 19.07
CA ALA A 83 14.33 -7.10 18.82
C ALA A 83 14.91 -8.03 17.75
N ARG A 84 14.47 -9.30 17.80
CA ARG A 84 14.88 -10.36 16.90
C ARG A 84 14.36 -10.09 15.48
N TRP A 85 13.12 -9.59 15.40
CA TRP A 85 12.46 -9.38 14.12
C TRP A 85 12.92 -8.07 13.47
N ILE A 86 13.37 -7.10 14.29
CA ILE A 86 13.87 -5.86 13.73
C ILE A 86 15.21 -6.13 13.04
N ALA A 87 15.95 -7.08 13.61
CA ALA A 87 17.29 -7.41 13.17
C ALA A 87 17.22 -8.33 11.96
N GLU A 88 16.19 -9.20 11.95
CA GLU A 88 16.04 -10.17 10.88
C GLU A 88 16.02 -9.46 9.52
N PRO A 89 16.89 -9.87 8.55
CA PRO A 89 16.97 -9.28 7.19
C PRO A 89 15.68 -9.37 6.37
N LEU A 90 15.58 -8.65 5.25
CA LEU A 90 14.40 -8.70 4.39
C LEU A 90 14.30 -10.06 3.71
N SER A 91 13.08 -10.57 3.49
CA SER A 91 12.88 -11.80 2.76
C SER A 91 13.12 -11.63 1.25
N PRO A 92 13.91 -12.52 0.60
CA PRO A 92 14.07 -12.54 -0.86
C PRO A 92 12.98 -13.33 -1.61
N THR A 93 12.00 -13.82 -0.86
CA THR A 93 10.98 -14.70 -1.39
C THR A 93 9.60 -14.06 -1.22
N ARG A 94 9.56 -12.81 -0.74
CA ARG A 94 8.30 -12.15 -0.45
C ARG A 94 7.77 -11.51 -1.72
N PRO A 95 6.43 -11.44 -1.94
CA PRO A 95 5.83 -10.91 -3.17
C PRO A 95 5.96 -9.40 -3.36
N GLY A 96 5.78 -8.95 -4.60
CA GLY A 96 5.84 -7.54 -4.96
C GLY A 96 7.20 -6.89 -4.68
N ARG A 97 8.22 -7.73 -4.50
CA ARG A 97 9.56 -7.32 -4.12
C ARG A 97 10.14 -6.33 -5.13
N GLY A 98 9.52 -6.26 -6.32
CA GLY A 98 10.08 -5.53 -7.45
C GLY A 98 9.48 -4.13 -7.65
N SER A 99 8.65 -3.67 -6.71
CA SER A 99 8.02 -2.36 -6.80
C SER A 99 7.73 -1.77 -5.42
N ALA A 100 7.81 -0.43 -5.32
CA ALA A 100 7.53 0.23 -4.06
C ALA A 100 6.03 0.21 -3.77
N LEU A 101 5.25 0.05 -4.84
CA LEU A 101 3.79 0.04 -4.78
C LEU A 101 3.33 -1.37 -4.42
N THR A 102 4.22 -2.33 -4.56
CA THR A 102 3.82 -3.72 -4.46
C THR A 102 4.54 -4.35 -3.25
N ASP A 103 5.58 -3.67 -2.75
CA ASP A 103 6.46 -4.20 -1.71
C ASP A 103 6.02 -3.80 -0.30
N SER A 104 6.10 -4.75 0.63
CA SER A 104 5.65 -4.53 1.99
C SER A 104 6.84 -4.36 2.91
N SER A 105 8.04 -4.23 2.35
CA SER A 105 9.21 -3.98 3.17
C SER A 105 9.17 -2.54 3.68
N THR A 106 8.56 -1.65 2.89
CA THR A 106 8.41 -0.25 3.24
C THR A 106 7.67 -0.15 4.58
N ARG A 107 6.64 -0.99 4.73
CA ARG A 107 5.74 -1.02 5.87
C ARG A 107 6.43 -1.69 7.06
N ASP A 108 7.19 -2.76 6.77
CA ASP A 108 7.89 -3.53 7.79
C ASP A 108 8.96 -2.65 8.43
N ILE A 109 9.63 -1.83 7.60
CA ILE A 109 10.67 -0.91 8.03
C ILE A 109 10.06 0.17 8.91
N ALA A 110 8.83 0.56 8.61
CA ALA A 110 8.15 1.61 9.36
C ALA A 110 7.85 1.11 10.76
N VAL A 111 7.46 -0.17 10.85
CA VAL A 111 7.12 -0.78 12.13
C VAL A 111 8.40 -0.96 12.93
N LYS A 112 9.43 -1.51 12.28
CA LYS A 112 10.74 -1.72 12.88
C LYS A 112 11.30 -0.39 13.39
N LEU A 113 11.14 0.66 12.59
CA LEU A 113 11.64 1.99 12.92
C LEU A 113 10.94 2.52 14.18
N ARG A 114 9.65 2.20 14.35
CA ARG A 114 8.91 2.65 15.52
C ARG A 114 9.53 2.05 16.78
N GLY A 115 9.43 0.73 16.92
CA GLY A 115 9.93 0.08 18.12
C GLY A 115 11.39 -0.37 18.00
N ALA A 116 12.30 0.56 17.70
CA ALA A 116 13.68 0.18 17.41
C ALA A 116 14.54 0.06 18.66
N GLY A 117 14.80 1.20 19.33
CA GLY A 117 15.67 1.22 20.51
C GLY A 117 17.16 1.28 20.16
N TYR A 118 18.00 1.64 21.14
CA TYR A 118 19.43 1.88 20.92
C TYR A 118 20.13 0.67 20.27
N GLY A 119 19.74 -0.54 20.67
CA GLY A 119 20.44 -1.75 20.23
C GLY A 119 20.00 -2.28 18.85
N ASP A 120 18.83 -1.84 18.41
CA ASP A 120 18.24 -2.46 17.23
C ASP A 120 18.45 -1.60 15.99
N VAL A 121 18.74 -0.30 16.21
CA VAL A 121 18.84 0.74 15.20
C VAL A 121 19.95 0.42 14.21
N ALA A 122 21.04 -0.16 14.73
CA ALA A 122 22.19 -0.49 13.90
C ALA A 122 21.81 -1.50 12.83
N ALA A 123 21.14 -2.58 13.24
CA ALA A 123 20.70 -3.64 12.33
C ALA A 123 19.60 -3.14 11.41
N LEU A 124 18.83 -2.17 11.89
CA LEU A 124 17.70 -1.60 11.17
C LEU A 124 18.25 -0.74 10.03
N TYR A 125 19.35 -0.05 10.33
CA TYR A 125 20.02 0.75 9.32
C TYR A 125 20.49 -0.15 8.17
N THR A 126 20.76 -1.42 8.47
CA THR A 126 21.23 -2.36 7.47
C THR A 126 20.15 -2.59 6.41
N GLN A 127 18.90 -2.71 6.87
CA GLN A 127 17.80 -3.04 5.99
C GLN A 127 17.39 -1.80 5.22
N VAL A 128 17.61 -0.64 5.84
CA VAL A 128 17.30 0.62 5.18
C VAL A 128 18.16 0.75 3.93
N THR A 129 19.47 0.45 4.07
CA THR A 129 20.39 0.64 2.96
C THR A 129 20.20 -0.47 1.91
N ALA A 130 19.84 -1.67 2.37
CA ALA A 130 19.58 -2.78 1.47
C ALA A 130 18.32 -2.51 0.63
N LEU A 131 17.27 -1.96 1.26
CA LEU A 131 16.00 -1.78 0.57
C LEU A 131 16.14 -0.65 -0.43
N ARG A 132 16.94 0.36 -0.08
CA ARG A 132 17.17 1.48 -0.97
C ARG A 132 17.88 1.01 -2.23
N ALA A 133 18.75 0.01 -2.08
CA ALA A 133 19.53 -0.55 -3.18
C ALA A 133 18.61 -1.32 -4.13
N GLU A 134 17.47 -1.75 -3.61
CA GLU A 134 16.52 -2.49 -4.42
C GLU A 134 15.62 -1.51 -5.17
N ARG A 135 15.30 -0.38 -4.52
CA ARG A 135 14.43 0.61 -5.12
C ARG A 135 15.11 1.22 -6.34
N VAL A 136 16.45 1.25 -6.30
CA VAL A 136 17.24 1.79 -7.40
C VAL A 136 17.23 0.80 -8.56
N LYS A 137 17.17 -0.51 -8.24
CA LYS A 137 17.05 -1.53 -9.28
C LYS A 137 15.71 -1.32 -9.97
N SER A 138 14.67 -1.13 -9.14
CA SER A 138 13.30 -0.95 -9.61
C SER A 138 13.23 0.32 -10.43
N LEU A 139 13.80 1.41 -9.90
CA LEU A 139 13.78 2.69 -10.58
C LEU A 139 14.61 2.62 -11.86
N ASP A 140 15.81 2.03 -11.75
CA ASP A 140 16.70 1.96 -12.91
C ASP A 140 16.00 1.21 -14.04
N THR A 141 15.13 0.26 -13.66
CA THR A 141 14.38 -0.56 -14.61
C THR A 141 13.28 0.27 -15.26
N TYR A 142 12.57 1.09 -14.47
CA TYR A 142 11.44 1.86 -14.97
C TYR A 142 11.96 2.93 -15.92
N ARG A 143 13.12 3.48 -15.59
CA ARG A 143 13.71 4.53 -16.41
C ARG A 143 14.21 3.95 -17.72
N GLY A 144 14.52 2.64 -17.71
CA GLY A 144 14.89 1.92 -18.93
C GLY A 144 13.69 1.69 -19.84
N ILE A 145 12.55 1.34 -19.22
CA ILE A 145 11.32 1.09 -19.97
C ILE A 145 10.81 2.42 -20.52
N GLU A 146 11.09 3.50 -19.80
CA GLU A 146 10.66 4.83 -20.21
C GLU A 146 11.43 5.24 -21.47
N LYS A 147 12.75 5.12 -21.43
CA LYS A 147 13.59 5.56 -22.55
C LYS A 147 13.37 4.65 -23.76
N ARG A 148 13.11 3.36 -23.50
CA ARG A 148 13.01 2.37 -24.56
C ARG A 148 11.64 2.41 -25.22
N THR A 149 10.61 2.86 -24.47
CA THR A 149 9.24 2.77 -24.96
C THR A 149 8.54 4.13 -24.99
N PHE A 150 8.95 5.08 -24.13
CA PHE A 150 8.22 6.33 -24.02
C PHE A 150 9.13 7.54 -24.14
N ALA A 151 10.11 7.49 -25.05
CA ALA A 151 10.87 8.69 -25.39
C ALA A 151 9.97 9.63 -26.18
N ASP A 152 10.12 10.95 -25.99
CA ASP A 152 9.26 11.95 -26.60
C ASP A 152 7.81 11.65 -26.23
N PRO A 153 7.46 11.85 -24.94
CA PRO A 153 6.10 11.66 -24.45
C PRO A 153 5.24 12.92 -24.58
N SER A 154 5.45 13.65 -25.68
CA SER A 154 4.64 14.81 -26.05
C SER A 154 3.72 14.45 -27.21
N ALA A 155 4.18 13.49 -28.00
CA ALA A 155 3.49 12.95 -29.16
C ALA A 155 2.74 11.68 -28.75
N LEU A 156 2.47 11.54 -27.46
CA LEU A 156 1.73 10.40 -26.96
C LEU A 156 0.25 10.72 -26.97
N ASP A 157 -0.56 9.72 -27.33
CA ASP A 157 -2.00 9.86 -27.38
C ASP A 157 -2.63 8.61 -26.79
N GLY A 158 -3.81 8.78 -26.19
CA GLY A 158 -4.65 7.68 -25.74
C GLY A 158 -3.87 6.63 -24.96
N ALA A 159 -3.98 5.37 -25.43
CA ALA A 159 -3.49 4.25 -24.66
C ALA A 159 -2.03 4.44 -24.28
N ALA A 160 -1.24 4.95 -25.22
CA ALA A 160 0.19 5.09 -24.97
C ALA A 160 0.44 6.08 -23.82
N LEU A 161 -0.29 7.21 -23.84
CA LEU A 161 -0.12 8.24 -22.82
C LEU A 161 -0.68 7.76 -21.49
N HIS A 162 -1.74 6.93 -21.55
CA HIS A 162 -2.34 6.46 -20.32
C HIS A 162 -1.37 5.52 -19.62
N GLN A 163 -0.65 4.74 -20.41
CA GLN A 163 0.26 3.73 -19.89
C GLN A 163 1.49 4.41 -19.30
N TYR A 164 1.90 5.53 -19.92
CA TYR A 164 3.07 6.26 -19.51
C TYR A 164 2.81 6.90 -18.15
N LEU A 165 1.62 7.49 -18.01
CA LEU A 165 1.19 8.12 -16.78
C LEU A 165 1.24 7.10 -15.64
N VAL A 166 0.83 5.87 -15.96
CA VAL A 166 0.81 4.77 -15.00
C VAL A 166 2.26 4.43 -14.63
N LEU A 167 3.15 4.43 -15.63
CA LEU A 167 4.57 4.17 -15.44
C LEU A 167 5.17 5.32 -14.65
N ARG A 168 4.62 6.53 -14.86
CA ARG A 168 5.11 7.72 -14.19
C ARG A 168 4.78 7.64 -12.70
N GLY A 169 3.70 6.91 -12.35
CA GLY A 169 3.33 6.72 -10.96
C GLY A 169 4.32 5.82 -10.23
N GLY A 170 4.77 4.78 -10.94
CA GLY A 170 5.76 3.86 -10.43
C GLY A 170 7.10 4.54 -10.17
N ILE A 171 7.50 5.41 -11.08
CA ILE A 171 8.77 6.12 -10.98
C ILE A 171 8.73 7.04 -9.77
N ARG A 172 7.58 7.69 -9.55
CA ARG A 172 7.44 8.61 -8.44
C ARG A 172 7.52 7.85 -7.12
N ALA A 173 6.88 6.67 -7.07
CA ALA A 173 6.85 5.87 -5.86
C ALA A 173 8.25 5.42 -5.48
N GLU A 174 9.01 4.94 -6.48
CA GLU A 174 10.36 4.46 -6.27
C GLU A 174 11.23 5.62 -5.77
N GLU A 175 11.03 6.80 -6.38
CA GLU A 175 11.77 8.00 -6.00
C GLU A 175 11.38 8.36 -4.58
N SER A 176 10.06 8.35 -4.32
CA SER A 176 9.50 8.73 -3.04
C SER A 176 10.06 7.84 -1.94
N ALA A 177 10.10 6.54 -2.24
CA ALA A 177 10.59 5.52 -1.33
C ALA A 177 12.07 5.77 -1.06
N ILE A 178 12.84 6.07 -2.11
CA ILE A 178 14.27 6.28 -1.96
C ILE A 178 14.49 7.53 -1.12
N ASP A 179 13.68 8.56 -1.34
CA ASP A 179 13.84 9.80 -0.62
C ASP A 179 13.59 9.60 0.88
N TRP A 180 12.56 8.81 1.20
CA TRP A 180 12.21 8.52 2.58
C TRP A 180 13.30 7.63 3.20
N LEU A 181 13.74 6.62 2.44
CA LEU A 181 14.72 5.66 2.91
C LEU A 181 16.05 6.35 3.19
N ASP A 182 16.24 7.53 2.59
CA ASP A 182 17.45 8.32 2.75
C ASP A 182 17.32 9.22 3.99
N GLU A 183 16.11 9.75 4.18
CA GLU A 183 15.79 10.63 5.28
C GLU A 183 15.89 9.86 6.60
N VAL A 184 15.53 8.57 6.52
CA VAL A 184 15.54 7.71 7.69
C VAL A 184 17.00 7.40 8.03
N ALA A 185 17.78 7.09 6.98
CA ALA A 185 19.16 6.67 7.11
C ALA A 185 20.00 7.82 7.65
N GLU A 186 19.63 9.03 7.24
CA GLU A 186 20.36 10.22 7.61
C GLU A 186 20.06 10.57 9.07
N ALA A 187 18.79 10.43 9.46
CA ALA A 187 18.40 10.79 10.82
C ALA A 187 18.97 9.78 11.82
N LEU A 188 19.33 8.59 11.33
CA LEU A 188 19.94 7.59 12.19
C LEU A 188 21.46 7.79 12.23
N GLN A 189 21.99 8.62 11.30
CA GLN A 189 23.43 8.83 11.17
C GLN A 189 23.96 9.75 12.28
N GLU A 190 23.10 10.07 13.26
CA GLU A 190 23.43 10.97 14.37
C GLU A 190 23.13 10.27 15.71
N PRO B 1 -18.80 -9.25 -7.83
CA PRO B 1 -17.96 -9.21 -9.04
C PRO B 1 -17.75 -7.81 -9.64
N GLU B 2 -18.80 -6.96 -9.59
CA GLU B 2 -18.75 -5.63 -10.17
C GLU B 2 -18.28 -4.62 -9.11
N PHE B 3 -18.19 -5.06 -7.84
CA PHE B 3 -17.74 -4.23 -6.73
C PHE B 3 -16.28 -4.54 -6.40
N MET B 4 -15.69 -5.52 -7.11
CA MET B 4 -14.28 -5.89 -6.96
C MET B 4 -13.48 -5.30 -8.12
N ALA B 5 -12.14 -5.42 -8.09
CA ALA B 5 -11.32 -4.66 -9.02
C ALA B 5 -10.47 -5.55 -9.94
N LEU B 6 -10.34 -6.85 -9.62
CA LEU B 6 -9.50 -7.75 -10.40
C LEU B 6 -10.21 -8.18 -11.69
N PRO B 7 -11.52 -8.52 -11.66
CA PRO B 7 -12.28 -8.80 -12.87
C PRO B 7 -12.09 -7.74 -13.95
N HIS B 8 -12.03 -6.48 -13.51
CA HIS B 8 -11.92 -5.30 -14.34
C HIS B 8 -10.51 -5.15 -14.90
N ALA B 9 -9.51 -5.48 -14.07
CA ALA B 9 -8.12 -5.44 -14.49
C ALA B 9 -7.92 -6.45 -15.62
N ILE B 10 -8.59 -7.60 -15.47
CA ILE B 10 -8.50 -8.66 -16.46
C ILE B 10 -9.34 -8.28 -17.69
N LEU B 11 -10.40 -7.50 -17.47
CA LEU B 11 -11.21 -7.05 -18.58
C LEU B 11 -10.42 -6.08 -19.45
N VAL B 12 -9.50 -5.33 -18.83
CA VAL B 12 -8.64 -4.39 -19.53
C VAL B 12 -7.63 -5.19 -20.38
N SER B 13 -7.05 -6.22 -19.74
CA SER B 13 -6.08 -7.11 -20.35
C SER B 13 -6.68 -7.77 -21.59
N LEU B 14 -7.93 -8.23 -21.47
CA LEU B 14 -8.61 -8.90 -22.56
C LEU B 14 -8.98 -7.91 -23.66
N SER B 15 -9.29 -6.67 -23.25
CA SER B 15 -9.68 -5.65 -24.19
C SER B 15 -8.54 -5.42 -25.18
N GLU B 16 -7.33 -5.28 -24.63
CA GLU B 16 -6.15 -5.05 -25.43
C GLU B 16 -5.74 -6.34 -26.15
N GLN B 17 -5.51 -7.42 -25.39
CA GLN B 17 -5.10 -8.66 -26.03
C GLN B 17 -5.87 -9.85 -25.46
N ALA B 18 -6.66 -10.49 -26.33
CA ALA B 18 -7.39 -11.70 -25.97
C ALA B 18 -6.38 -12.84 -25.83
N SER B 19 -6.13 -13.27 -24.59
CA SER B 19 -5.16 -14.33 -24.35
C SER B 19 -5.87 -15.55 -23.76
N SER B 20 -5.09 -16.50 -23.21
CA SER B 20 -5.65 -17.65 -22.54
C SER B 20 -5.49 -17.52 -21.03
N GLY B 21 -5.85 -18.58 -20.29
CA GLY B 21 -5.63 -18.59 -18.85
C GLY B 21 -4.19 -18.22 -18.49
N TYR B 22 -3.24 -19.05 -18.96
CA TYR B 22 -1.84 -18.89 -18.61
C TYR B 22 -1.27 -17.66 -19.30
N GLU B 23 -1.65 -17.47 -20.56
CA GLU B 23 -1.18 -16.34 -21.35
C GLU B 23 -1.62 -15.05 -20.66
N LEU B 24 -2.80 -15.10 -20.05
CA LEU B 24 -3.38 -14.00 -19.30
C LEU B 24 -2.51 -13.70 -18.09
N ALA B 25 -2.28 -14.72 -17.26
CA ALA B 25 -1.47 -14.56 -16.05
C ALA B 25 -0.12 -14.01 -16.44
N ARG B 26 0.54 -14.69 -17.39
CA ARG B 26 1.87 -14.33 -17.87
C ARG B 26 1.91 -12.85 -18.26
N ARG B 27 0.89 -12.42 -19.02
CA ARG B 27 0.73 -11.05 -19.53
C ARG B 27 0.48 -10.07 -18.39
N PHE B 28 -0.26 -10.53 -17.37
CA PHE B 28 -0.72 -9.70 -16.27
C PHE B 28 0.44 -9.40 -15.33
N ASP B 29 1.39 -10.33 -15.23
CA ASP B 29 2.43 -10.21 -14.22
C ASP B 29 3.58 -9.33 -14.70
N ARG B 30 3.38 -8.63 -15.83
CA ARG B 30 4.40 -7.78 -16.42
C ARG B 30 3.80 -6.49 -17.00
N SER B 31 2.46 -6.46 -17.12
CA SER B 31 1.74 -5.29 -17.62
C SER B 31 1.11 -4.53 -16.46
N ILE B 32 0.18 -5.18 -15.74
CA ILE B 32 -0.51 -4.58 -14.62
C ILE B 32 0.09 -5.09 -13.29
N GLY B 33 1.11 -5.96 -13.40
CA GLY B 33 1.67 -6.66 -12.25
C GLY B 33 2.44 -5.76 -11.28
N TYR B 34 2.80 -4.56 -11.74
CA TYR B 34 3.59 -3.63 -10.94
C TYR B 34 2.72 -2.78 -10.03
N PHE B 35 1.40 -2.97 -10.08
CA PHE B 35 0.48 -2.21 -9.24
C PHE B 35 -0.43 -3.17 -8.45
N TRP B 36 -0.65 -4.35 -9.03
CA TRP B 36 -1.54 -5.37 -8.50
C TRP B 36 -0.73 -6.65 -8.27
N THR B 37 -0.75 -7.14 -7.03
CA THR B 37 -0.06 -8.35 -6.67
C THR B 37 -1.06 -9.50 -6.61
N ALA B 38 -1.29 -10.15 -7.75
CA ALA B 38 -2.27 -11.22 -7.86
C ALA B 38 -1.60 -12.51 -8.38
N THR B 39 -2.08 -13.66 -7.88
CA THR B 39 -1.52 -14.96 -8.19
C THR B 39 -2.25 -15.56 -9.38
N HIS B 40 -1.70 -16.65 -9.91
CA HIS B 40 -2.28 -17.34 -11.06
C HIS B 40 -3.61 -17.98 -10.66
N GLN B 41 -3.68 -18.48 -9.41
CA GLN B 41 -4.87 -19.14 -8.89
C GLN B 41 -6.02 -18.14 -8.81
N GLN B 42 -5.71 -16.89 -8.44
CA GLN B 42 -6.69 -15.83 -8.36
C GLN B 42 -7.19 -15.46 -9.76
N ILE B 43 -6.24 -15.33 -10.71
CA ILE B 43 -6.55 -14.88 -12.06
C ILE B 43 -7.56 -15.84 -12.70
N TYR B 44 -7.33 -17.15 -12.49
CA TYR B 44 -8.12 -18.22 -13.09
C TYR B 44 -9.50 -18.31 -12.45
N ARG B 45 -9.52 -18.08 -11.12
CA ARG B 45 -10.77 -18.17 -10.38
C ARG B 45 -11.73 -17.09 -10.87
N THR B 46 -11.17 -15.89 -11.10
CA THR B 46 -11.94 -14.73 -11.54
C THR B 46 -12.34 -14.87 -12.99
N LEU B 47 -11.53 -15.62 -13.77
CA LEU B 47 -11.82 -15.87 -15.17
C LEU B 47 -13.03 -16.79 -15.28
N ARG B 48 -13.16 -17.72 -14.33
CA ARG B 48 -14.33 -18.58 -14.21
C ARG B 48 -15.57 -17.70 -13.95
N VAL B 49 -15.41 -16.77 -12.99
CA VAL B 49 -16.48 -15.90 -12.56
C VAL B 49 -16.98 -15.02 -13.71
N MET B 50 -16.06 -14.62 -14.60
CA MET B 50 -16.36 -13.69 -15.69
C MET B 50 -17.14 -14.39 -16.81
N GLU B 51 -16.98 -15.71 -16.90
CA GLU B 51 -17.68 -16.52 -17.88
C GLU B 51 -19.09 -16.84 -17.38
N ASN B 52 -19.27 -16.72 -16.05
CA ASN B 52 -20.54 -16.90 -15.37
C ASN B 52 -21.49 -15.75 -15.68
N ASN B 53 -20.94 -14.56 -15.94
CA ASN B 53 -21.74 -13.40 -16.31
C ASN B 53 -21.81 -13.27 -17.82
N ASN B 54 -21.05 -14.15 -18.51
CA ASN B 54 -20.84 -14.06 -19.95
C ASN B 54 -20.00 -12.83 -20.29
N TRP B 55 -19.17 -12.38 -19.35
CA TRP B 55 -18.27 -11.25 -19.54
C TRP B 55 -17.11 -11.62 -20.46
N VAL B 56 -16.74 -12.89 -20.45
CA VAL B 56 -15.69 -13.42 -21.30
C VAL B 56 -16.28 -14.58 -22.07
N ARG B 57 -15.84 -14.74 -23.33
CA ARG B 57 -16.27 -15.81 -24.22
C ARG B 57 -15.19 -16.88 -24.33
N ALA B 58 -15.56 -18.05 -24.87
CA ALA B 58 -14.64 -19.18 -25.00
C ALA B 58 -14.20 -19.34 -26.44
N THR B 59 -13.51 -18.31 -26.96
CA THR B 59 -13.02 -18.28 -28.34
C THR B 59 -11.69 -19.05 -28.41
N LYS B 70 -7.87 -22.95 -26.64
CA LYS B 70 -8.73 -22.25 -25.64
C LYS B 70 -8.18 -20.84 -25.39
N VAL B 71 -8.87 -19.84 -25.94
CA VAL B 71 -8.55 -18.44 -25.76
C VAL B 71 -9.82 -17.71 -25.33
N TYR B 72 -9.71 -16.86 -24.28
CA TYR B 72 -10.84 -16.11 -23.78
C TYR B 72 -10.94 -14.79 -24.52
N ALA B 73 -12.17 -14.30 -24.71
CA ALA B 73 -12.39 -13.00 -25.31
C ALA B 73 -13.39 -12.20 -24.48
N ILE B 74 -13.16 -10.89 -24.35
CA ILE B 74 -14.11 -10.01 -23.68
C ILE B 74 -15.40 -10.04 -24.50
N SER B 75 -16.56 -10.13 -23.84
CA SER B 75 -17.80 -10.07 -24.58
C SER B 75 -18.27 -8.63 -24.68
N ASP B 76 -19.40 -8.43 -25.35
CA ASP B 76 -20.06 -7.12 -25.37
C ASP B 76 -20.47 -6.74 -23.96
N SER B 77 -21.06 -7.72 -23.24
CA SER B 77 -21.49 -7.56 -21.86
C SER B 77 -20.31 -7.21 -20.94
N GLY B 78 -19.13 -7.79 -21.22
CA GLY B 78 -17.93 -7.53 -20.43
C GLY B 78 -17.33 -6.16 -20.75
N ARG B 79 -17.44 -5.75 -22.02
CA ARG B 79 -16.91 -4.47 -22.48
C ARG B 79 -17.79 -3.34 -21.97
N ALA B 80 -19.06 -3.69 -21.68
CA ALA B 80 -20.04 -2.77 -21.16
C ALA B 80 -19.78 -2.54 -19.68
N GLU B 81 -19.42 -3.63 -18.99
CA GLU B 81 -19.09 -3.59 -17.57
C GLU B 81 -17.82 -2.77 -17.34
N LEU B 82 -16.85 -2.87 -18.27
CA LEU B 82 -15.64 -2.08 -18.13
C LEU B 82 -15.96 -0.59 -18.25
N ALA B 83 -16.88 -0.25 -19.17
CA ALA B 83 -17.26 1.14 -19.41
C ALA B 83 -18.01 1.68 -18.20
N ARG B 84 -18.83 0.79 -17.62
CA ARG B 84 -19.69 1.08 -16.48
C ARG B 84 -18.81 1.30 -15.26
N TRP B 85 -17.82 0.43 -15.09
CA TRP B 85 -16.98 0.42 -13.91
C TRP B 85 -16.05 1.62 -13.94
N ILE B 86 -15.60 2.01 -15.13
CA ILE B 86 -14.67 3.12 -15.26
C ILE B 86 -15.38 4.42 -14.95
N ALA B 87 -16.68 4.47 -15.29
CA ALA B 87 -17.52 5.65 -15.09
C ALA B 87 -18.03 5.68 -13.67
N GLU B 88 -18.15 4.51 -13.05
CA GLU B 88 -18.60 4.43 -11.67
C GLU B 88 -17.65 5.26 -10.82
N PRO B 89 -18.16 6.24 -10.04
CA PRO B 89 -17.31 7.10 -9.21
C PRO B 89 -16.58 6.42 -8.05
N LEU B 90 -16.10 7.26 -7.11
CA LEU B 90 -15.36 6.81 -5.95
C LEU B 90 -16.34 6.16 -4.98
N SER B 91 -15.98 4.98 -4.47
CA SER B 91 -16.86 4.24 -3.58
C SER B 91 -16.66 4.68 -2.13
N PRO B 92 -17.74 5.00 -1.37
CA PRO B 92 -17.65 5.28 0.07
C PRO B 92 -17.38 4.04 0.93
N THR B 93 -17.68 2.86 0.36
CA THR B 93 -17.46 1.57 1.01
C THR B 93 -16.07 1.04 0.67
N ARG B 94 -15.33 1.77 -0.16
CA ARG B 94 -14.02 1.34 -0.61
C ARG B 94 -13.16 1.00 0.59
N PRO B 95 -12.46 -0.16 0.54
CA PRO B 95 -11.61 -0.58 1.66
C PRO B 95 -10.31 0.20 1.68
N GLY B 96 -10.07 0.97 2.76
CA GLY B 96 -8.77 1.58 2.99
C GLY B 96 -8.79 3.11 2.97
N ARG B 97 -9.99 3.70 2.95
CA ARG B 97 -10.14 5.16 2.87
C ARG B 97 -9.37 5.84 4.00
N GLY B 98 -8.71 6.96 3.65
CA GLY B 98 -8.12 7.80 4.67
C GLY B 98 -6.60 7.87 4.59
N SER B 99 -5.96 7.07 3.72
CA SER B 99 -4.50 7.11 3.57
C SER B 99 -4.06 6.64 2.19
N ALA B 100 -2.97 7.23 1.70
CA ALA B 100 -2.40 6.90 0.40
C ALA B 100 -1.77 5.51 0.45
N LEU B 101 -1.44 5.04 1.66
CA LEU B 101 -0.74 3.79 1.84
C LEU B 101 -1.75 2.67 1.97
N THR B 102 -3.01 3.04 2.26
CA THR B 102 -4.00 2.02 2.54
C THR B 102 -5.12 2.08 1.51
N ASP B 103 -5.32 3.26 0.92
CA ASP B 103 -6.38 3.49 -0.03
C ASP B 103 -6.05 2.83 -1.36
N SER B 104 -7.04 2.13 -1.91
CA SER B 104 -6.81 1.31 -3.09
C SER B 104 -7.29 2.03 -4.34
N SER B 105 -7.64 3.31 -4.19
CA SER B 105 -8.16 4.05 -5.32
C SER B 105 -7.04 4.39 -6.28
N THR B 106 -5.85 4.59 -5.72
CA THR B 106 -4.69 4.94 -6.53
C THR B 106 -4.45 3.83 -7.56
N ARG B 107 -4.67 2.58 -7.12
CA ARG B 107 -4.46 1.39 -7.93
C ARG B 107 -5.56 1.24 -8.99
N ASP B 108 -6.80 1.55 -8.58
CA ASP B 108 -7.98 1.43 -9.41
C ASP B 108 -7.93 2.45 -10.56
N ILE B 109 -7.41 3.64 -10.23
CA ILE B 109 -7.32 4.74 -11.17
C ILE B 109 -6.33 4.36 -12.28
N ALA B 110 -5.30 3.59 -11.89
CA ALA B 110 -4.29 3.15 -12.82
C ALA B 110 -4.90 2.18 -13.82
N VAL B 111 -5.80 1.32 -13.35
CA VAL B 111 -6.48 0.34 -14.19
C VAL B 111 -7.42 1.06 -15.14
N LYS B 112 -8.23 1.96 -14.58
CA LYS B 112 -9.18 2.76 -15.34
C LYS B 112 -8.43 3.55 -16.41
N LEU B 113 -7.28 4.11 -16.02
CA LEU B 113 -6.50 4.97 -16.88
C LEU B 113 -5.98 4.18 -18.08
N ARG B 114 -5.60 2.92 -17.86
CA ARG B 114 -5.05 2.11 -18.92
C ARG B 114 -6.15 1.86 -19.95
N GLY B 115 -7.18 1.12 -19.54
CA GLY B 115 -8.25 0.77 -20.45
C GLY B 115 -9.31 1.88 -20.58
N ALA B 116 -8.88 3.12 -20.85
CA ALA B 116 -9.79 4.25 -20.94
C ALA B 116 -10.35 4.34 -22.37
N GLY B 117 -10.19 3.26 -23.13
CA GLY B 117 -10.88 3.10 -24.40
C GLY B 117 -12.33 2.71 -24.16
N TYR B 118 -12.53 1.60 -23.41
CA TYR B 118 -13.83 1.24 -22.87
C TYR B 118 -14.02 2.04 -21.58
N GLY B 119 -14.99 2.97 -21.58
CA GLY B 119 -15.17 3.93 -20.50
C GLY B 119 -14.50 5.25 -20.86
N ASP B 120 -15.11 6.39 -20.47
CA ASP B 120 -14.60 7.64 -20.98
C ASP B 120 -13.80 8.44 -19.95
N VAL B 121 -12.94 9.31 -20.49
CA VAL B 121 -11.91 10.05 -19.76
C VAL B 121 -12.56 11.11 -18.87
N ALA B 122 -13.74 11.60 -19.28
CA ALA B 122 -14.36 12.69 -18.55
C ALA B 122 -14.76 12.19 -17.16
N ALA B 123 -15.33 10.99 -17.13
CA ALA B 123 -15.81 10.37 -15.91
C ALA B 123 -14.62 10.05 -15.01
N LEU B 124 -13.47 9.73 -15.61
CA LEU B 124 -12.32 9.32 -14.81
C LEU B 124 -11.65 10.56 -14.27
N TYR B 125 -11.71 11.64 -15.03
CA TYR B 125 -11.09 12.89 -14.65
C TYR B 125 -11.63 13.32 -13.29
N THR B 126 -12.94 13.12 -13.11
CA THR B 126 -13.62 13.61 -11.94
C THR B 126 -13.21 12.74 -10.76
N GLN B 127 -12.85 11.49 -11.03
CA GLN B 127 -12.44 10.56 -9.98
C GLN B 127 -11.03 10.89 -9.52
N VAL B 128 -10.23 11.37 -10.47
CA VAL B 128 -8.88 11.81 -10.19
C VAL B 128 -8.92 13.08 -9.33
N THR B 129 -9.85 13.99 -9.63
CA THR B 129 -9.90 15.25 -8.90
C THR B 129 -10.56 15.03 -7.54
N ALA B 130 -11.51 14.09 -7.48
CA ALA B 130 -12.15 13.74 -6.23
C ALA B 130 -11.15 13.07 -5.28
N LEU B 131 -10.28 12.21 -5.84
CA LEU B 131 -9.36 11.46 -5.00
C LEU B 131 -8.26 12.38 -4.50
N ARG B 132 -7.87 13.33 -5.34
CA ARG B 132 -6.84 14.28 -4.99
C ARG B 132 -7.30 15.12 -3.81
N ALA B 133 -8.61 15.41 -3.78
CA ALA B 133 -9.18 16.24 -2.73
C ALA B 133 -9.18 15.49 -1.40
N GLU B 134 -9.20 14.15 -1.50
CA GLU B 134 -9.20 13.30 -0.32
C GLU B 134 -7.79 13.19 0.25
N ARG B 135 -6.79 13.22 -0.65
CA ARG B 135 -5.39 13.15 -0.28
C ARG B 135 -4.98 14.42 0.47
N VAL B 136 -5.67 15.52 0.15
CA VAL B 136 -5.47 16.80 0.80
C VAL B 136 -6.02 16.76 2.22
N LYS B 137 -7.12 16.03 2.42
CA LYS B 137 -7.67 15.86 3.74
C LYS B 137 -6.70 15.01 4.55
N SER B 138 -6.15 13.96 3.92
CA SER B 138 -5.18 13.07 4.55
C SER B 138 -3.94 13.87 4.95
N LEU B 139 -3.42 14.67 4.01
CA LEU B 139 -2.21 15.43 4.24
C LEU B 139 -2.50 16.50 5.29
N ASP B 140 -3.64 17.17 5.15
CA ASP B 140 -4.01 18.22 6.09
C ASP B 140 -4.09 17.67 7.51
N THR B 141 -4.46 16.39 7.63
CA THR B 141 -4.53 15.71 8.92
C THR B 141 -3.11 15.47 9.46
N TYR B 142 -2.22 14.98 8.59
CA TYR B 142 -0.86 14.65 8.94
C TYR B 142 -0.11 15.92 9.27
N ARG B 143 -0.43 16.98 8.52
CA ARG B 143 0.23 18.27 8.66
C ARG B 143 -0.12 18.86 10.03
N GLY B 144 -1.29 18.48 10.54
CA GLY B 144 -1.76 18.89 11.85
C GLY B 144 -1.02 18.14 12.96
N ILE B 145 -0.83 16.84 12.77
CA ILE B 145 -0.18 16.00 13.77
C ILE B 145 1.28 16.41 13.86
N GLU B 146 1.84 16.85 12.72
CA GLU B 146 3.23 17.28 12.68
C GLU B 146 3.40 18.49 13.59
N LYS B 147 2.64 19.55 13.31
CA LYS B 147 2.80 20.82 14.01
C LYS B 147 2.33 20.67 15.46
N ARG B 148 1.32 19.82 15.71
CA ARG B 148 0.74 19.74 17.04
C ARG B 148 1.39 18.63 17.86
N THR B 149 2.31 17.86 17.27
CA THR B 149 2.97 16.77 17.98
C THR B 149 4.48 16.88 17.86
N PHE B 150 4.97 17.37 16.72
CA PHE B 150 6.40 17.42 16.47
C PHE B 150 6.81 18.84 16.07
N ALA B 151 6.29 19.82 16.82
CA ALA B 151 6.70 21.21 16.66
C ALA B 151 8.17 21.31 17.08
N ASP B 152 8.97 21.99 16.24
CA ASP B 152 10.43 21.97 16.30
C ASP B 152 10.97 20.54 16.14
N PRO B 153 11.29 20.13 14.89
CA PRO B 153 11.66 18.76 14.61
C PRO B 153 13.16 18.46 14.72
N SER B 154 13.87 19.18 15.60
CA SER B 154 15.32 19.00 15.68
C SER B 154 15.73 18.46 17.04
N ALA B 155 14.77 18.44 17.98
CA ALA B 155 15.04 18.06 19.36
C ALA B 155 14.65 16.61 19.60
N LEU B 156 14.34 15.88 18.52
CA LEU B 156 13.81 14.54 18.62
C LEU B 156 14.97 13.55 18.77
N ASP B 157 14.78 12.52 19.59
CA ASP B 157 15.88 11.71 20.11
C ASP B 157 15.79 10.25 19.67
N GLY B 158 14.81 9.51 20.21
CA GLY B 158 14.67 8.10 19.96
C GLY B 158 13.26 7.77 19.46
N ALA B 159 12.42 7.26 20.34
CA ALA B 159 11.08 6.87 19.95
C ALA B 159 10.36 8.05 19.31
N ALA B 160 10.54 9.25 19.88
CA ALA B 160 9.87 10.43 19.37
C ALA B 160 10.29 10.68 17.92
N LEU B 161 11.58 10.51 17.63
CA LEU B 161 12.09 10.77 16.29
C LEU B 161 11.71 9.64 15.34
N HIS B 162 11.62 8.42 15.86
CA HIS B 162 11.24 7.30 15.02
C HIS B 162 9.80 7.52 14.53
N GLN B 163 8.96 8.05 15.42
CA GLN B 163 7.57 8.31 15.14
C GLN B 163 7.44 9.44 14.11
N TYR B 164 8.33 10.43 14.21
CA TYR B 164 8.30 11.59 13.33
C TYR B 164 8.62 11.15 11.91
N LEU B 165 9.67 10.35 11.80
CA LEU B 165 10.16 9.82 10.53
C LEU B 165 9.05 9.01 9.85
N VAL B 166 8.30 8.25 10.67
CA VAL B 166 7.25 7.38 10.16
C VAL B 166 6.12 8.24 9.61
N LEU B 167 5.85 9.35 10.32
CA LEU B 167 4.82 10.31 9.91
C LEU B 167 5.26 10.98 8.62
N ARG B 168 6.57 11.17 8.49
CA ARG B 168 7.17 11.78 7.32
C ARG B 168 7.04 10.88 6.10
N GLY B 169 6.93 9.56 6.32
CA GLY B 169 6.72 8.64 5.21
C GLY B 169 5.30 8.76 4.66
N GLY B 170 4.35 8.93 5.58
CA GLY B 170 2.95 9.12 5.23
C GLY B 170 2.74 10.47 4.55
N ILE B 171 3.48 11.48 5.05
CA ILE B 171 3.41 12.83 4.50
C ILE B 171 3.91 12.82 3.06
N ARG B 172 4.96 12.03 2.80
CA ARG B 172 5.55 11.95 1.48
C ARG B 172 4.60 11.26 0.52
N ALA B 173 3.96 10.19 1.00
CA ALA B 173 3.07 9.39 0.18
C ALA B 173 1.89 10.24 -0.27
N GLU B 174 1.36 11.04 0.65
CA GLU B 174 0.21 11.88 0.36
C GLU B 174 0.59 12.90 -0.70
N GLU B 175 1.78 13.48 -0.56
CA GLU B 175 2.27 14.47 -1.50
C GLU B 175 2.45 13.77 -2.84
N SER B 176 3.04 12.57 -2.80
CA SER B 176 3.36 11.81 -4.00
C SER B 176 2.09 11.54 -4.80
N ALA B 177 1.03 11.14 -4.07
CA ALA B 177 -0.26 10.80 -4.66
C ALA B 177 -0.86 12.03 -5.34
N ILE B 178 -0.82 13.16 -4.62
CA ILE B 178 -1.39 14.40 -5.13
C ILE B 178 -0.63 14.79 -6.40
N ASP B 179 0.68 14.62 -6.38
CA ASP B 179 1.50 15.05 -7.50
C ASP B 179 1.23 14.23 -8.74
N TRP B 180 1.04 12.93 -8.56
CA TRP B 180 0.70 12.05 -9.67
C TRP B 180 -0.71 12.35 -10.15
N LEU B 181 -1.63 12.56 -9.21
CA LEU B 181 -3.03 12.84 -9.51
C LEU B 181 -3.16 14.15 -10.28
N ASP B 182 -2.20 15.04 -10.05
CA ASP B 182 -2.15 16.33 -10.73
C ASP B 182 -1.63 16.16 -12.16
N GLU B 183 -0.61 15.31 -12.28
CA GLU B 183 0.02 14.97 -13.53
C GLU B 183 -0.99 14.23 -14.41
N VAL B 184 -1.85 13.43 -13.77
CA VAL B 184 -2.87 12.65 -14.46
C VAL B 184 -3.95 13.62 -14.92
N ALA B 185 -4.35 14.53 -14.04
CA ALA B 185 -5.45 15.45 -14.27
C ALA B 185 -5.06 16.46 -15.35
N GLU B 186 -3.77 16.82 -15.38
CA GLU B 186 -3.28 17.79 -16.34
C GLU B 186 -3.34 17.14 -17.72
N ALA B 187 -2.85 15.89 -17.80
CA ALA B 187 -2.73 15.19 -19.06
C ALA B 187 -4.11 14.83 -19.61
N LEU B 188 -5.12 14.78 -18.75
CA LEU B 188 -6.46 14.42 -19.17
C LEU B 188 -7.23 15.66 -19.60
N GLN B 189 -6.66 16.85 -19.40
CA GLN B 189 -7.33 18.09 -19.77
C GLN B 189 -6.97 18.43 -21.22
N GLU B 190 -5.67 18.27 -21.55
CA GLU B 190 -5.14 18.61 -22.86
C GLU B 190 -5.65 17.60 -23.89
N LYS B 191 -6.16 16.45 -23.41
CA LYS B 191 -6.68 15.38 -24.24
C LYS B 191 -8.04 15.79 -24.81
C1 GOL C . -6.65 5.23 8.24
O1 GOL C . -6.56 4.16 7.30
C2 GOL C . -8.09 5.53 8.63
O2 GOL C . -8.26 6.93 8.84
C3 GOL C . -8.60 4.72 9.81
O3 GOL C . -7.55 4.10 10.54
CL CL D . 7.11 -12.53 31.60
O1 P6G E . 6.09 4.37 4.52
C2 P6G E . 6.44 5.52 3.74
C3 P6G E . 7.24 5.09 2.51
O4 P6G E . 6.93 5.87 1.36
C5 P6G E . 7.04 5.04 0.20
C6 P6G E . 5.91 5.33 -0.79
O7 P6G E . 5.38 4.07 -1.28
C8 P6G E . 4.31 4.24 -2.24
C9 P6G E . 2.91 4.38 -1.61
O10 P6G E . 1.91 4.95 -2.50
C11 P6G E . 2.34 6.18 -3.10
C12 P6G E . 1.34 6.63 -4.17
O13 P6G E . 2.10 7.08 -5.28
C14 P6G E . 1.27 7.63 -6.29
C15 P6G E . 1.49 6.88 -7.59
O16 P6G E . 0.83 5.63 -7.49
C17 P6G E . -0.05 5.44 -8.59
C18 P6G E . 0.03 4.03 -9.17
O19 P6G E . -0.80 3.11 -8.41
#